data_2HAX
#
_entry.id   2HAX
#
_cell.length_a   74.340
_cell.length_b   64.890
_cell.length_c   31.200
_cell.angle_alpha   90.00
_cell.angle_beta   90.00
_cell.angle_gamma   90.00
#
_symmetry.space_group_name_H-M   'P 21 21 2'
#
loop_
_entity.id
_entity.type
_entity.pdbx_description
1 polymer "5'-D(*TP*TP*TP*TP*TP*T)-3'"
2 polymer 'Cold shock protein cspB'
3 non-polymer 'CALCIUM ION'
4 non-polymer (4S)-2-METHYL-2,4-PENTANEDIOL
5 water water
#
loop_
_entity_poly.entity_id
_entity_poly.type
_entity_poly.pdbx_seq_one_letter_code
_entity_poly.pdbx_strand_id
1 'polydeoxyribonucleotide' (DT)(DT)(DT)(DT)(DT)(DT) C,D
2 'polypeptide(L)' MQRGKVKWFNNEKGYGFIEVEGGSDVFVHFTAIQGEGFKTLEEGQEVSFEIVQGNRGPQAANVVKL A,B
#
loop_
_chem_comp.id
_chem_comp.type
_chem_comp.name
_chem_comp.formula
CA non-polymer 'CALCIUM ION' 'Ca 2'
DT DNA linking THYMIDINE-5'-MONOPHOSPHATE 'C10 H15 N2 O8 P'
MPD non-polymer (4S)-2-METHYL-2,4-PENTANEDIOL 'C6 H14 O2'
#
# COMPACT_ATOMS: atom_id res chain seq x y z
N MET C 1 -16.64 -1.54 -19.56
CA MET C 1 -15.45 -2.27 -19.09
C MET C 1 -14.40 -2.36 -20.17
N GLN C 2 -13.16 -2.16 -19.76
CA GLN C 2 -12.05 -2.23 -20.65
C GLN C 2 -10.89 -2.87 -20.00
N ARG C 3 -10.01 -3.42 -20.82
CA ARG C 3 -8.75 -3.96 -20.35
C ARG C 3 -7.59 -3.09 -20.86
N GLY C 4 -6.54 -3.07 -20.09
CA GLY C 4 -5.35 -2.36 -20.47
C GLY C 4 -4.14 -2.82 -19.69
N LYS C 5 -3.02 -2.12 -19.90
CA LYS C 5 -1.75 -2.42 -19.24
C LYS C 5 -1.22 -1.10 -18.72
N VAL C 6 -0.81 -1.05 -17.46
CA VAL C 6 -0.30 0.20 -16.91
C VAL C 6 0.95 0.59 -17.68
N LYS C 7 0.97 1.82 -18.19
CA LYS C 7 2.13 2.33 -18.91
C LYS C 7 3.17 2.87 -17.94
N TRP C 8 2.74 3.72 -17.03
CA TRP C 8 3.57 4.25 -15.97
C TRP C 8 2.69 4.68 -14.85
N PHE C 9 3.24 4.68 -13.65
CA PHE C 9 2.52 5.14 -12.48
C PHE C 9 3.56 5.70 -11.54
N ASN C 10 3.31 6.93 -11.08
CA ASN C 10 4.25 7.70 -10.25
C ASN C 10 3.74 7.79 -8.82
N ASN C 11 4.44 7.13 -7.91
CA ASN C 11 4.04 7.07 -6.50
C ASN C 11 4.15 8.39 -5.76
N GLU C 12 4.97 9.30 -6.24
CA GLU C 12 5.07 10.64 -5.61
C GLU C 12 3.87 11.50 -6.04
N LYS C 13 3.46 11.37 -7.31
CA LYS C 13 2.33 12.13 -7.85
C LYS C 13 0.96 11.51 -7.55
N GLY C 14 0.94 10.20 -7.34
CA GLY C 14 -0.30 9.47 -7.11
C GLY C 14 -1.16 9.23 -8.33
N TYR C 15 -0.54 9.20 -9.50
CA TYR C 15 -1.30 8.93 -10.74
C TYR C 15 -0.40 8.37 -11.81
N GLY C 16 -1.03 7.90 -12.88
CA GLY C 16 -0.33 7.38 -14.01
C GLY C 16 -1.29 7.23 -15.18
N PHE C 17 -0.88 6.42 -16.16
CA PHE C 17 -1.65 6.17 -17.35
C PHE C 17 -1.67 4.69 -17.67
N ILE C 18 -2.83 4.26 -18.18
CA ILE C 18 -3.07 2.89 -18.65
C ILE C 18 -3.12 2.92 -20.16
N GLU C 19 -2.34 2.02 -20.78
CA GLU C 19 -2.36 1.86 -22.23
C GLU C 19 -3.44 0.88 -22.61
N VAL C 20 -4.14 1.19 -23.71
CA VAL C 20 -5.18 0.33 -24.25
C VAL C 20 -4.87 0.07 -25.72
N GLU C 21 -5.11 -1.15 -26.18
CA GLU C 21 -4.84 -1.47 -27.57
C GLU C 21 -5.72 -0.62 -28.49
N GLY C 22 -5.07 0.16 -29.37
CA GLY C 22 -5.79 0.98 -30.33
C GLY C 22 -6.42 2.27 -29.84
N GLY C 23 -6.20 2.64 -28.58
CA GLY C 23 -6.82 3.86 -28.01
C GLY C 23 -5.88 4.70 -27.24
N SER C 24 -6.36 5.89 -26.85
CA SER C 24 -5.59 6.84 -26.05
C SER C 24 -5.31 6.21 -24.70
N ASP C 25 -4.17 6.52 -24.19
CA ASP C 25 -3.92 6.18 -22.83
C ASP C 25 -5.09 6.77 -21.96
N VAL C 26 -5.33 6.12 -20.83
CA VAL C 26 -6.35 6.52 -19.89
C VAL C 26 -5.67 6.85 -18.54
N PHE C 27 -5.93 8.06 -18.09
CA PHE C 27 -5.43 8.53 -16.81
C PHE C 27 -6.01 7.70 -15.65
N VAL C 28 -5.19 7.46 -14.63
CA VAL C 28 -5.65 6.78 -13.43
C VAL C 28 -5.09 7.48 -12.20
N HIS C 29 -5.99 7.90 -11.33
CA HIS C 29 -5.63 8.46 -10.02
C HIS C 29 -5.57 7.29 -9.03
N PHE C 30 -4.73 7.42 -8.01
CA PHE C 30 -4.56 6.25 -7.09
C PHE C 30 -5.86 5.88 -6.39
N THR C 31 -6.74 6.85 -6.18
CA THR C 31 -7.98 6.57 -5.45
C THR C 31 -8.94 5.66 -6.21
N ALA C 32 -8.70 5.44 -7.51
CA ALA C 32 -9.52 4.54 -8.33
C ALA C 32 -9.09 3.07 -8.22
N ILE C 33 -7.93 2.82 -7.64
CA ILE C 33 -7.38 1.47 -7.57
C ILE C 33 -8.10 0.65 -6.51
N GLN C 34 -8.52 -0.54 -6.91
CA GLN C 34 -9.22 -1.45 -6.05
C GLN C 34 -8.25 -2.43 -5.40
N GLY C 35 -8.73 -3.10 -4.38
CA GLY C 35 -7.95 -4.09 -3.69
C GLY C 35 -7.27 -3.52 -2.51
N GLU C 36 -6.63 -4.41 -1.76
CA GLU C 36 -5.94 -3.96 -0.57
CA GLU C 36 -5.88 -4.07 -0.59
CA GLU C 36 -5.91 -3.99 -0.58
C GLU C 36 -4.64 -3.30 -1.04
N GLY C 37 -4.29 -2.28 -0.36
CA GLY C 37 -3.09 -1.55 -0.66
C GLY C 37 -1.90 -2.22 0.02
N PHE C 38 -0.72 -1.71 -0.28
CA PHE C 38 0.55 -2.22 0.27
C PHE C 38 0.70 -1.72 1.69
N LYS C 39 0.88 -2.66 2.61
CA LYS C 39 1.00 -2.33 4.03
C LYS C 39 2.48 -2.17 4.37
N THR C 40 2.82 -1.02 4.93
CA THR C 40 4.16 -0.68 5.24
C THR C 40 4.18 0.30 6.43
N LEU C 41 5.37 0.47 6.97
CA LEU C 41 5.65 1.40 8.06
C LEU C 41 6.88 2.21 7.68
N GLU C 42 6.85 3.49 8.04
CA GLU C 42 7.97 4.37 7.80
C GLU C 42 8.80 4.53 9.05
N GLU C 43 10.11 4.55 8.91
CA GLU C 43 11.00 4.77 10.03
C GLU C 43 10.62 6.06 10.73
N GLY C 44 10.57 5.99 12.06
CA GLY C 44 10.20 7.09 12.91
C GLY C 44 8.71 7.20 13.21
N GLN C 45 7.89 6.43 12.51
CA GLN C 45 6.44 6.43 12.72
C GLN C 45 6.11 6.01 14.15
N GLU C 46 5.32 6.81 14.85
CA GLU C 46 4.79 6.43 16.17
C GLU C 46 3.66 5.44 15.94
N VAL C 47 3.64 4.38 16.74
CA VAL C 47 2.63 3.34 16.64
C VAL C 47 2.18 2.90 18.00
N SER C 48 0.96 2.35 18.04
CA SER C 48 0.51 1.57 19.21
C SER C 48 0.40 0.12 18.74
N PHE C 49 0.50 -0.81 19.64
CA PHE C 49 0.42 -2.23 19.30
C PHE C 49 0.21 -3.07 20.54
N GLU C 50 -0.12 -4.34 20.31
CA GLU C 50 -0.19 -5.36 21.34
C GLU C 50 0.95 -6.33 21.07
N ILE C 51 1.31 -7.14 22.07
CA ILE C 51 2.35 -8.13 21.91
C ILE C 51 1.77 -9.52 22.00
N VAL C 52 2.20 -10.35 21.08
CA VAL C 52 1.85 -11.75 21.10
C VAL C 52 3.14 -12.57 20.96
N GLN C 53 3.06 -13.84 21.31
CA GLN C 53 4.20 -14.72 21.23
C GLN C 53 3.94 -15.75 20.12
N GLY C 54 4.80 -15.75 19.10
CA GLY C 54 4.76 -16.73 18.05
C GLY C 54 5.84 -17.80 18.31
N ASN C 55 5.99 -18.72 17.39
CA ASN C 55 7.01 -19.77 17.61
C ASN C 55 8.48 -19.30 17.32
N ARG C 56 8.67 -18.04 17.00
CA ARG C 56 10.01 -17.47 16.90
C ARG C 56 10.17 -16.26 17.86
N GLY C 57 9.29 -16.17 18.84
CA GLY C 57 9.35 -15.16 19.87
C GLY C 57 8.25 -14.12 19.79
N PRO C 58 8.39 -13.08 20.57
CA PRO C 58 7.40 -12.00 20.61
C PRO C 58 7.37 -11.19 19.33
N GLN C 59 6.19 -10.69 19.03
CA GLN C 59 5.99 -9.83 17.88
C GLN C 59 4.76 -8.99 18.10
N ALA C 60 4.62 -7.96 17.29
CA ALA C 60 3.56 -7.00 17.42
C ALA C 60 2.29 -7.47 16.72
N ALA C 61 1.15 -7.10 17.30
CA ALA C 61 -0.17 -7.35 16.72
C ALA C 61 -0.93 -6.00 16.79
N ASN C 62 -1.87 -5.84 15.91
CA ASN C 62 -2.77 -4.70 15.93
C ASN C 62 -2.00 -3.38 15.95
N VAL C 63 -1.12 -3.25 14.96
CA VAL C 63 -0.20 -2.13 14.85
C VAL C 63 -0.89 -0.95 14.19
N VAL C 64 -1.07 0.13 14.94
CA VAL C 64 -1.79 1.30 14.46
C VAL C 64 -0.85 2.51 14.41
N LYS C 65 -0.90 3.20 13.28
CA LYS C 65 -0.09 4.41 13.07
C LYS C 65 -0.79 5.55 13.79
N LEU C 66 -0.08 6.16 14.72
CA LEU C 66 -0.60 7.25 15.53
C LEU C 66 -0.35 8.61 14.94
N MET D 1 -1.15 -3.18 25.67
CA MET D 1 -0.90 -2.12 24.68
C MET D 1 0.37 -1.39 25.00
N GLN D 2 1.08 -1.05 23.95
CA GLN D 2 2.34 -0.38 24.03
C GLN D 2 2.43 0.69 22.95
N ARG D 3 3.24 1.69 23.24
CA ARG D 3 3.59 2.75 22.35
C ARG D 3 5.05 2.49 21.89
N GLY D 4 5.36 2.83 20.64
CA GLY D 4 6.72 2.75 20.15
C GLY D 4 6.91 3.57 18.89
N LYS D 5 8.12 3.51 18.36
CA LYS D 5 8.50 4.22 17.14
C LYS D 5 9.15 3.22 16.21
N VAL D 6 8.78 3.24 14.94
CA VAL D 6 9.35 2.29 14.00
C VAL D 6 10.86 2.52 13.87
N LYS D 7 11.65 1.48 14.17
CA LYS D 7 13.11 1.53 14.09
C LYS D 7 13.56 1.49 12.66
N TRP D 8 13.06 0.50 11.95
CA TRP D 8 13.30 0.31 10.54
C TRP D 8 12.24 -0.65 9.98
N PHE D 9 12.01 -0.57 8.69
CA PHE D 9 11.06 -1.45 8.04
C PHE D 9 11.54 -1.69 6.62
N ASN D 10 11.48 -2.94 6.18
CA ASN D 10 11.96 -3.35 4.86
C ASN D 10 10.82 -3.85 3.99
N ASN D 11 10.56 -3.12 2.93
CA ASN D 11 9.44 -3.41 2.03
C ASN D 11 9.66 -4.59 1.10
N GLU D 12 10.92 -5.03 0.94
CA GLU D 12 11.21 -6.25 0.15
C GLU D 12 10.97 -7.49 0.94
N LYS D 13 11.29 -7.43 2.22
CA LYS D 13 11.17 -8.57 3.12
C LYS D 13 9.80 -8.63 3.81
N GLY D 14 9.13 -7.47 3.93
CA GLY D 14 7.83 -7.37 4.58
C GLY D 14 7.83 -7.33 6.10
N TYR D 15 8.89 -6.83 6.71
CA TYR D 15 8.94 -6.75 8.16
C TYR D 15 9.94 -5.70 8.62
N GLY D 16 9.90 -5.43 9.92
CA GLY D 16 10.83 -4.54 10.56
C GLY D 16 10.71 -4.67 12.06
N PHE D 17 11.18 -3.63 12.76
CA PHE D 17 11.17 -3.57 14.22
C PHE D 17 10.66 -2.25 14.71
N ILE D 18 9.99 -2.31 15.85
CA ILE D 18 9.50 -1.16 16.58
C ILE D 18 10.39 -0.98 17.81
N GLU D 19 10.92 0.22 18.00
CA GLU D 19 11.70 0.54 19.20
C GLU D 19 10.77 1.02 20.32
N VAL D 20 11.05 0.59 21.54
CA VAL D 20 10.26 0.92 22.69
C VAL D 20 11.17 1.50 23.73
N GLU D 21 10.76 2.61 24.32
CA GLU D 21 11.58 3.26 25.33
C GLU D 21 11.78 2.35 26.55
N GLY D 22 13.04 2.03 26.85
CA GLY D 22 13.37 1.21 27.99
C GLY D 22 13.07 -0.28 27.84
N GLY D 23 12.84 -0.73 26.61
CA GLY D 23 12.55 -2.13 26.37
C GLY D 23 13.19 -2.62 25.07
N SER D 24 13.05 -3.92 24.83
CA SER D 24 13.57 -4.54 23.63
C SER D 24 12.76 -4.12 22.42
N ASP D 25 13.40 -4.10 21.29
CA ASP D 25 12.72 -3.90 20.03
C ASP D 25 11.66 -5.02 19.87
N VAL D 26 10.61 -4.71 19.13
CA VAL D 26 9.56 -5.65 18.87
C VAL D 26 9.41 -5.84 17.36
N PHE D 27 9.52 -7.08 16.93
CA PHE D 27 9.37 -7.45 15.53
C PHE D 27 7.95 -7.16 15.05
N VAL D 28 7.82 -6.69 13.81
CA VAL D 28 6.52 -6.47 13.18
C VAL D 28 6.52 -6.99 11.75
N HIS D 29 5.61 -7.92 11.47
CA HIS D 29 5.37 -8.42 10.12
C HIS D 29 4.32 -7.51 9.47
N PHE D 30 4.40 -7.33 8.16
CA PHE D 30 3.47 -6.37 7.51
C PHE D 30 2.01 -6.69 7.73
N THR D 31 1.69 -7.98 7.90
CA THR D 31 0.30 -8.39 8.08
C THR D 31 -0.34 -7.92 9.35
N ALA D 32 0.47 -7.46 10.30
CA ALA D 32 -0.02 -6.92 11.56
C ALA D 32 -0.43 -5.45 11.48
N ILE D 33 -0.06 -4.79 10.38
CA ILE D 33 -0.30 -3.38 10.21
C ILE D 33 -1.74 -3.10 9.90
N GLN D 34 -2.33 -2.18 10.66
CA GLN D 34 -3.71 -1.74 10.49
C GLN D 34 -3.82 -0.53 9.57
N GLY D 35 -5.01 -0.29 9.09
CA GLY D 35 -5.27 0.84 8.25
C GLY D 35 -5.19 0.53 6.78
N GLU D 36 -5.56 1.51 5.99
CA GLU D 36 -5.54 1.38 4.56
C GLU D 36 -4.07 1.36 4.11
N GLY D 37 -3.79 0.47 3.15
CA GLY D 37 -2.48 0.38 2.57
C GLY D 37 -2.30 1.41 1.43
N PHE D 38 -1.08 1.51 0.96
CA PHE D 38 -0.70 2.40 -0.11
C PHE D 38 -1.16 1.83 -1.44
N LYS D 39 -1.92 2.60 -2.22
CA LYS D 39 -2.47 2.14 -3.49
C LYS D 39 -1.57 2.58 -4.63
N THR D 40 -1.09 1.60 -5.37
CA THR D 40 -0.17 1.81 -6.46
C THR D 40 -0.38 0.78 -7.55
N LEU D 41 0.20 1.09 -8.70
CA LEU D 41 0.21 0.22 -9.86
C LEU D 41 1.63 0.13 -10.37
N GLU D 42 2.03 -1.03 -10.81
CA GLU D 42 3.37 -1.26 -11.38
C GLU D 42 3.32 -1.18 -12.90
N GLU D 43 4.37 -0.65 -13.54
CA GLU D 43 4.46 -0.64 -14.98
C GLU D 43 4.24 -2.06 -15.47
N GLY D 44 3.44 -2.21 -16.50
CA GLY D 44 3.14 -3.50 -17.07
C GLY D 44 1.96 -4.24 -16.48
N GLN D 45 1.43 -3.76 -15.36
CA GLN D 45 0.31 -4.42 -14.72
C GLN D 45 -0.92 -4.43 -15.62
N GLU D 46 -1.48 -5.61 -15.85
CA GLU D 46 -2.75 -5.73 -16.57
C GLU D 46 -3.88 -5.36 -15.63
N VAL D 47 -4.80 -4.57 -16.16
CA VAL D 47 -5.93 -4.10 -15.39
C VAL D 47 -7.23 -4.15 -16.20
N SER D 48 -8.34 -4.23 -15.48
CA SER D 48 -9.65 -3.91 -16.03
C SER D 48 -10.11 -2.62 -15.36
N PHE D 49 -10.99 -1.89 -16.02
CA PHE D 49 -11.48 -0.63 -15.50
C PHE D 49 -12.71 -0.18 -16.28
N GLU D 50 -13.35 0.83 -15.74
CA GLU D 50 -14.46 1.53 -16.39
C GLU D 50 -13.95 2.92 -16.74
N ILE D 51 -14.43 3.47 -17.83
CA ILE D 51 -14.04 4.83 -18.20
C ILE D 51 -15.12 5.80 -17.80
N VAL D 52 -14.71 6.90 -17.21
CA VAL D 52 -15.59 7.98 -16.84
C VAL D 52 -14.99 9.30 -17.30
N GLN D 53 -15.80 10.35 -17.31
CA GLN D 53 -15.37 11.65 -17.73
C GLN D 53 -15.42 12.61 -16.57
N GLY D 54 -14.28 13.22 -16.24
CA GLY D 54 -14.21 14.27 -15.27
C GLY D 54 -14.07 15.61 -15.97
N ASN D 55 -14.01 16.66 -15.20
CA ASN D 55 -13.88 18.01 -15.80
C ASN D 55 -12.53 18.23 -16.51
N ARG D 56 -11.56 17.37 -16.22
CA ARG D 56 -10.21 17.49 -16.81
C ARG D 56 -9.87 16.35 -17.79
N GLY D 57 -10.88 15.62 -18.21
CA GLY D 57 -10.70 14.58 -19.19
C GLY D 57 -11.21 13.22 -18.74
N PRO D 58 -11.00 12.22 -19.58
CA PRO D 58 -11.37 10.86 -19.23
C PRO D 58 -10.45 10.31 -18.18
N GLN D 59 -10.94 9.40 -17.36
CA GLN D 59 -10.11 8.71 -16.41
C GLN D 59 -10.72 7.38 -16.07
N ALA D 60 -9.92 6.54 -15.47
CA ALA D 60 -10.33 5.19 -15.10
C ALA D 60 -11.01 5.16 -13.75
N ALA D 61 -12.02 4.32 -13.64
CA ALA D 61 -12.75 4.03 -12.41
C ALA D 61 -12.70 2.49 -12.20
N ASN D 62 -12.82 2.07 -10.94
CA ASN D 62 -12.94 0.66 -10.61
C ASN D 62 -11.79 -0.13 -11.25
N VAL D 63 -10.57 0.29 -10.95
CA VAL D 63 -9.36 -0.29 -11.55
C VAL D 63 -8.91 -1.53 -10.77
N VAL D 64 -9.01 -2.69 -11.42
CA VAL D 64 -8.72 -3.97 -10.83
C VAL D 64 -7.48 -4.58 -11.47
N LYS D 65 -6.55 -5.01 -10.62
CA LYS D 65 -5.34 -5.69 -11.05
C LYS D 65 -5.71 -7.10 -11.43
N LEU D 66 -5.43 -7.46 -12.67
CA LEU D 66 -5.72 -8.78 -13.21
C LEU D 66 -4.54 -9.71 -13.05
CA CA E . 6.14 16.64 -22.25
C1 MPD F . 5.57 -18.31 10.20
C2 MPD F . 5.76 -17.93 11.68
O2 MPD F . 6.05 -19.17 12.42
CM MPD F . 6.97 -17.02 11.78
C3 MPD F . 4.46 -17.28 12.18
C4 MPD F . 4.59 -16.42 13.44
O4 MPD F . 3.37 -15.84 13.81
C5 MPD F . 5.07 -17.28 14.52
C1 MPD G . -10.48 17.54 -8.79
C2 MPD G . -10.73 16.84 -10.12
O2 MPD G . -11.49 17.76 -10.94
CM MPD G . -9.41 16.56 -10.82
C3 MPD G . -11.58 15.56 -9.90
C4 MPD G . -11.67 14.58 -11.07
O4 MPD G . -12.52 13.46 -10.81
C5 MPD G . -12.13 15.33 -12.28
#